data_2MXQ
#
_entry.id   2MXQ
#
_entity_poly.entity_id   1
_entity_poly.type   'polypeptide(L)'
_entity_poly.pdbx_seq_one_letter_code
;SCTCRRAWICRWGERHSGKCIDQKGSTYRLCCRR
;
_entity_poly.pdbx_strand_id   A
#
# COMPACT_ATOMS: atom_id res chain seq x y z
N SER A 1 3.22 -2.23 3.12
CA SER A 1 3.11 -1.61 4.43
C SER A 1 4.21 -0.57 4.64
N CYS A 2 4.74 -0.07 3.53
CA CYS A 2 5.81 0.93 3.58
C CYS A 2 5.57 2.04 2.56
N THR A 3 4.36 2.08 2.02
CA THR A 3 3.99 3.08 1.03
C THR A 3 2.48 3.22 0.91
N CYS A 4 1.89 4.00 1.81
CA CYS A 4 0.45 4.21 1.81
C CYS A 4 -0.01 4.82 0.48
N ARG A 5 -0.49 3.96 -0.41
CA ARG A 5 -0.97 4.41 -1.72
C ARG A 5 -2.29 3.73 -2.08
N ARG A 6 -3.06 4.38 -2.95
CA ARG A 6 -4.34 3.84 -3.38
C ARG A 6 -4.37 3.62 -4.89
N ALA A 7 -4.15 2.38 -5.31
CA ALA A 7 -4.14 2.04 -6.72
C ALA A 7 -4.06 0.53 -6.91
N TRP A 8 -4.59 0.05 -8.04
CA TRP A 8 -4.58 -1.37 -8.34
C TRP A 8 -3.16 -1.90 -8.41
N ILE A 9 -2.20 -1.01 -8.62
CA ILE A 9 -0.80 -1.38 -8.70
C ILE A 9 0.03 -0.66 -7.64
N CYS A 10 1.33 -0.96 -7.60
CA CYS A 10 2.22 -0.35 -6.63
C CYS A 10 3.46 0.22 -7.32
N ARG A 11 4.45 0.61 -6.53
CA ARG A 11 5.69 1.16 -7.06
C ARG A 11 6.36 0.18 -8.02
N TRP A 12 6.96 -0.85 -7.45
CA TRP A 12 7.64 -1.87 -8.26
C TRP A 12 7.98 -3.10 -7.42
N GLY A 13 7.37 -4.23 -7.75
CA GLY A 13 7.61 -5.46 -7.02
C GLY A 13 7.43 -5.28 -5.52
N GLU A 14 6.57 -4.34 -5.14
CA GLU A 14 6.30 -4.07 -3.73
C GLU A 14 5.66 -5.28 -3.07
N ARG A 15 5.71 -5.32 -1.74
CA ARG A 15 5.14 -6.43 -0.98
C ARG A 15 4.04 -5.93 -0.04
N HIS A 16 2.87 -6.54 -0.11
CA HIS A 16 1.75 -6.16 0.74
C HIS A 16 1.98 -6.62 2.18
N SER A 17 1.57 -5.78 3.14
CA SER A 17 1.73 -6.11 4.55
C SER A 17 0.75 -5.31 5.40
N GLY A 18 -0.35 -4.88 4.78
CA GLY A 18 -1.34 -4.12 5.50
C GLY A 18 -1.33 -2.65 5.12
N LYS A 19 -2.38 -1.93 5.53
CA LYS A 19 -2.48 -0.50 5.23
C LYS A 19 -2.06 0.35 6.42
N CYS A 20 -2.06 1.66 6.25
CA CYS A 20 -1.68 2.57 7.32
C CYS A 20 -2.91 3.31 7.87
N ILE A 21 -2.67 4.23 8.79
CA ILE A 21 -3.75 5.00 9.40
C ILE A 21 -3.62 6.48 9.05
N ASP A 22 -3.90 6.82 7.80
CA ASP A 22 -3.82 8.19 7.33
C ASP A 22 -4.88 8.47 6.28
N GLN A 23 -5.06 7.54 5.36
CA GLN A 23 -6.05 7.69 4.29
C GLN A 23 -7.16 6.65 4.42
N LYS A 24 -7.00 5.74 5.39
CA LYS A 24 -7.99 4.70 5.61
C LYS A 24 -8.12 3.80 4.39
N GLY A 25 -7.52 2.61 4.45
CA GLY A 25 -7.59 1.68 3.35
C GLY A 25 -8.99 1.14 3.13
N SER A 26 -9.79 1.85 2.34
CA SER A 26 -11.15 1.44 2.06
C SER A 26 -11.18 0.10 1.33
N THR A 27 -10.08 -0.20 0.63
CA THR A 27 -9.98 -1.44 -0.13
C THR A 27 -8.60 -1.59 -0.75
N TYR A 28 -8.12 -0.52 -1.39
CA TYR A 28 -6.81 -0.55 -2.03
C TYR A 28 -5.75 -1.08 -1.07
N ARG A 29 -5.18 -2.24 -1.41
CA ARG A 29 -4.15 -2.86 -0.59
C ARG A 29 -2.84 -2.09 -0.68
N LEU A 30 -2.28 -1.75 0.48
CA LEU A 30 -1.03 -1.01 0.53
C LEU A 30 0.09 -1.79 -0.15
N CYS A 31 1.32 -1.29 0.01
CA CYS A 31 2.48 -1.94 -0.60
C CYS A 31 3.78 -1.43 0.03
N CYS A 32 4.73 -2.33 0.22
CA CYS A 32 6.01 -1.98 0.80
C CYS A 32 7.13 -2.08 -0.23
N ARG A 33 8.09 -1.15 -0.14
CA ARG A 33 9.21 -1.13 -1.07
C ARG A 33 10.50 -1.56 -0.38
N ARG A 34 10.85 -2.83 -0.53
CA ARG A 34 12.06 -3.37 0.08
C ARG A 34 13.30 -2.76 -0.55
N SER A 1 4.31 -2.94 4.57
CA SER A 1 3.77 -1.70 4.01
C SER A 1 4.75 -0.55 4.22
N CYS A 2 5.30 -0.04 3.12
CA CYS A 2 6.24 1.06 3.17
C CYS A 2 5.85 2.16 2.19
N THR A 3 4.55 2.29 1.92
CA THR A 3 4.05 3.29 1.01
C THR A 3 2.56 3.53 1.21
N CYS A 4 2.22 4.39 2.17
CA CYS A 4 0.84 4.70 2.47
C CYS A 4 0.19 5.48 1.32
N ARG A 5 -0.33 4.75 0.35
CA ARG A 5 -0.98 5.37 -0.80
C ARG A 5 -2.23 4.60 -1.21
N ARG A 6 -2.99 5.16 -2.14
CA ARG A 6 -4.21 4.52 -2.63
C ARG A 6 -4.17 4.33 -4.14
N ALA A 7 -4.13 3.08 -4.57
CA ALA A 7 -4.08 2.75 -5.99
C ALA A 7 -4.08 1.24 -6.21
N TRP A 8 -4.76 0.79 -7.26
CA TRP A 8 -4.83 -0.62 -7.58
C TRP A 8 -3.43 -1.20 -7.81
N ILE A 9 -2.48 -0.33 -8.11
CA ILE A 9 -1.11 -0.75 -8.35
C ILE A 9 -0.16 -0.19 -7.29
N CYS A 10 1.11 -0.57 -7.38
CA CYS A 10 2.11 -0.10 -6.43
C CYS A 10 3.34 0.44 -7.15
N ARG A 11 4.41 0.69 -6.40
CA ARG A 11 5.64 1.21 -6.98
C ARG A 11 6.14 0.32 -8.10
N TRP A 12 6.76 -0.80 -7.73
CA TRP A 12 7.27 -1.74 -8.71
C TRP A 12 7.94 -2.94 -8.03
N GLY A 13 7.49 -4.14 -8.38
CA GLY A 13 8.05 -5.34 -7.79
C GLY A 13 8.08 -5.27 -6.27
N GLU A 14 7.07 -4.66 -5.68
CA GLU A 14 6.99 -4.53 -4.23
C GLU A 14 6.17 -5.65 -3.63
N ARG A 15 6.05 -5.66 -2.30
CA ARG A 15 5.29 -6.68 -1.59
C ARG A 15 4.08 -6.07 -0.90
N HIS A 16 3.27 -6.92 -0.28
CA HIS A 16 2.08 -6.48 0.43
C HIS A 16 2.20 -6.74 1.92
N SER A 17 1.62 -5.84 2.72
CA SER A 17 1.67 -5.97 4.17
C SER A 17 0.71 -4.99 4.84
N GLY A 18 -0.54 -5.39 4.97
CA GLY A 18 -1.54 -4.54 5.58
C GLY A 18 -1.82 -3.30 4.78
N LYS A 19 -2.55 -2.35 5.37
CA LYS A 19 -2.88 -1.10 4.69
C LYS A 19 -2.55 0.10 5.56
N CYS A 20 -3.00 1.27 5.15
CA CYS A 20 -2.76 2.50 5.89
C CYS A 20 -3.65 2.57 7.14
N ILE A 21 -3.24 3.39 8.10
CA ILE A 21 -4.00 3.55 9.33
C ILE A 21 -4.66 4.92 9.41
N ASP A 22 -4.13 5.86 8.62
CA ASP A 22 -4.68 7.21 8.59
C ASP A 22 -5.68 7.37 7.45
N GLN A 23 -5.27 6.96 6.26
CA GLN A 23 -6.13 7.07 5.08
C GLN A 23 -7.43 6.29 5.29
N LYS A 24 -7.35 4.97 5.17
CA LYS A 24 -8.51 4.11 5.35
C LYS A 24 -8.15 2.66 5.14
N GLY A 25 -7.96 2.27 3.87
CA GLY A 25 -7.61 0.90 3.56
C GLY A 25 -8.82 0.05 3.21
N SER A 26 -9.93 0.72 2.87
CA SER A 26 -11.16 0.02 2.53
C SER A 26 -10.93 -0.93 1.35
N THR A 27 -9.91 -0.64 0.55
CA THR A 27 -9.59 -1.46 -0.60
C THR A 27 -8.10 -1.41 -0.92
N TYR A 28 -7.66 -0.27 -1.45
CA TYR A 28 -6.25 -0.09 -1.80
C TYR A 28 -5.34 -0.58 -0.67
N ARG A 29 -4.56 -1.62 -0.96
CA ARG A 29 -3.65 -2.19 0.03
C ARG A 29 -2.24 -1.62 -0.14
N LEU A 30 -1.66 -1.16 0.96
CA LEU A 30 -0.32 -0.59 0.94
C LEU A 30 0.67 -1.54 0.28
N CYS A 31 1.86 -1.04 -0.02
CA CYS A 31 2.91 -1.85 -0.64
C CYS A 31 4.29 -1.42 -0.17
N CYS A 32 5.08 -2.39 0.26
CA CYS A 32 6.44 -2.12 0.75
C CYS A 32 7.47 -2.57 -0.27
N ARG A 33 8.55 -1.81 -0.39
CA ARG A 33 9.62 -2.13 -1.33
C ARG A 33 10.99 -2.06 -0.64
N ARG A 34 11.57 -3.23 -0.39
CA ARG A 34 12.87 -3.31 0.26
C ARG A 34 13.58 -4.60 -0.10
N SER A 1 8.30 3.18 -0.28
CA SER A 1 8.25 2.09 0.69
C SER A 1 7.09 2.28 1.67
N CYS A 2 6.12 1.38 1.60
CA CYS A 2 4.95 1.45 2.47
C CYS A 2 4.21 2.77 2.29
N THR A 3 4.29 3.33 1.08
CA THR A 3 3.63 4.58 0.76
C THR A 3 2.16 4.53 1.15
N CYS A 4 1.72 5.50 1.96
CA CYS A 4 0.34 5.57 2.40
C CYS A 4 -0.56 6.10 1.29
N ARG A 5 -0.66 5.34 0.20
CA ARG A 5 -1.48 5.74 -0.93
C ARG A 5 -2.64 4.76 -1.14
N ARG A 6 -3.50 5.07 -2.10
CA ARG A 6 -4.64 4.20 -2.40
C ARG A 6 -4.84 4.08 -3.91
N ALA A 7 -4.60 2.89 -4.44
CA ALA A 7 -4.76 2.64 -5.86
C ALA A 7 -4.56 1.17 -6.19
N TRP A 8 -4.76 0.81 -7.46
CA TRP A 8 -4.60 -0.57 -7.90
C TRP A 8 -3.21 -0.80 -8.47
N ILE A 9 -2.25 0.02 -8.06
CA ILE A 9 -0.88 -0.09 -8.55
C ILE A 9 0.12 0.37 -7.49
N CYS A 10 1.40 0.30 -7.83
CA CYS A 10 2.45 0.72 -6.90
C CYS A 10 3.62 1.33 -7.66
N ARG A 11 4.60 1.85 -6.93
CA ARG A 11 5.77 2.46 -7.53
C ARG A 11 6.41 1.51 -8.56
N TRP A 12 7.10 0.50 -8.08
CA TRP A 12 7.76 -0.46 -8.96
C TRP A 12 8.33 -1.63 -8.16
N GLY A 13 8.04 -2.85 -8.60
CA GLY A 13 8.54 -4.02 -7.90
C GLY A 13 8.24 -4.00 -6.42
N GLU A 14 7.07 -3.49 -6.07
CA GLU A 14 6.67 -3.39 -4.66
C GLU A 14 5.96 -4.68 -4.22
N ARG A 15 5.48 -4.68 -2.99
CA ARG A 15 4.77 -5.84 -2.44
C ARG A 15 3.66 -5.42 -1.50
N HIS A 16 2.71 -6.32 -1.26
CA HIS A 16 1.59 -6.04 -0.38
C HIS A 16 1.98 -6.21 1.08
N SER A 17 1.98 -5.12 1.83
CA SER A 17 2.34 -5.15 3.24
C SER A 17 1.38 -4.31 4.07
N GLY A 18 0.14 -4.79 4.20
CA GLY A 18 -0.86 -4.06 4.97
C GLY A 18 -1.56 -3.00 4.15
N LYS A 19 -2.34 -2.15 4.82
CA LYS A 19 -3.07 -1.08 4.15
C LYS A 19 -2.95 0.23 4.92
N CYS A 20 -1.75 0.51 5.42
CA CYS A 20 -1.51 1.72 6.18
C CYS A 20 -2.49 1.85 7.35
N ILE A 21 -2.40 2.96 8.07
CA ILE A 21 -3.28 3.19 9.21
C ILE A 21 -3.47 4.69 9.46
N ASP A 22 -4.30 5.31 8.62
CA ASP A 22 -4.57 6.74 8.76
C ASP A 22 -5.71 7.15 7.83
N GLN A 23 -5.41 7.25 6.53
CA GLN A 23 -6.41 7.64 5.55
C GLN A 23 -7.48 6.57 5.40
N LYS A 24 -8.33 6.72 4.39
CA LYS A 24 -9.40 5.77 4.13
C LYS A 24 -8.97 4.72 3.09
N GLY A 25 -9.92 3.93 2.62
CA GLY A 25 -9.62 2.92 1.63
C GLY A 25 -10.39 1.64 1.86
N SER A 26 -11.26 1.29 0.92
CA SER A 26 -12.06 0.08 1.03
C SER A 26 -11.17 -1.13 1.32
N THR A 27 -10.50 -1.62 0.28
CA THR A 27 -9.62 -2.77 0.41
C THR A 27 -8.24 -2.48 -0.16
N TYR A 28 -7.87 -1.20 -0.19
CA TYR A 28 -6.58 -0.78 -0.72
C TYR A 28 -5.44 -1.36 0.12
N ARG A 29 -4.23 -1.28 -0.41
CA ARG A 29 -3.06 -1.80 0.29
C ARG A 29 -1.81 -1.03 -0.11
N LEU A 30 -1.01 -0.65 0.89
CA LEU A 30 0.22 0.10 0.65
C LEU A 30 1.15 -0.68 -0.28
N CYS A 31 2.35 -0.14 -0.48
CA CYS A 31 3.33 -0.79 -1.35
C CYS A 31 4.72 -0.77 -0.70
N CYS A 32 5.09 -1.90 -0.11
CA CYS A 32 6.38 -2.02 0.55
C CYS A 32 7.25 -3.08 -0.13
N ARG A 33 8.56 -2.85 -0.15
CA ARG A 33 9.49 -3.78 -0.78
C ARG A 33 10.65 -4.10 0.17
N ARG A 34 10.33 -4.75 1.29
CA ARG A 34 11.35 -5.11 2.26
C ARG A 34 12.36 -6.09 1.67
N SER A 1 4.90 -2.93 4.59
CA SER A 1 4.26 -1.65 4.82
C SER A 1 5.30 -0.54 4.95
N CYS A 2 5.64 0.09 3.84
CA CYS A 2 6.63 1.17 3.84
C CYS A 2 6.21 2.27 2.86
N THR A 3 4.95 2.26 2.47
CA THR A 3 4.43 3.27 1.54
C THR A 3 2.91 3.32 1.59
N CYS A 4 2.39 4.04 2.57
CA CYS A 4 0.94 4.19 2.72
C CYS A 4 0.29 4.60 1.41
N ARG A 5 -0.36 3.65 0.75
CA ARG A 5 -1.03 3.92 -0.52
C ARG A 5 -2.28 3.06 -0.66
N ARG A 6 -3.13 3.43 -1.61
CA ARG A 6 -4.38 2.70 -1.85
C ARG A 6 -4.35 2.01 -3.21
N ALA A 7 -5.51 1.53 -3.65
CA ALA A 7 -5.62 0.86 -4.94
C ALA A 7 -4.85 -0.46 -4.94
N TRP A 8 -4.96 -1.22 -6.02
CA TRP A 8 -4.27 -2.49 -6.14
C TRP A 8 -2.94 -2.33 -6.84
N ILE A 9 -2.42 -1.10 -6.85
CA ILE A 9 -1.15 -0.81 -7.48
C ILE A 9 -0.18 -0.16 -6.51
N CYS A 10 1.05 0.09 -6.96
CA CYS A 10 2.07 0.71 -6.12
C CYS A 10 3.25 1.17 -6.97
N ARG A 11 4.30 1.63 -6.29
CA ARG A 11 5.50 2.10 -6.97
C ARG A 11 5.98 1.08 -8.00
N TRP A 12 6.62 0.01 -7.52
CA TRP A 12 7.13 -1.04 -8.39
C TRP A 12 7.77 -2.15 -7.59
N GLY A 13 7.34 -3.38 -7.84
CA GLY A 13 7.89 -4.52 -7.12
C GLY A 13 7.87 -4.33 -5.62
N GLU A 14 6.83 -3.66 -5.13
CA GLU A 14 6.71 -3.40 -3.70
C GLU A 14 5.85 -4.48 -3.02
N ARG A 15 6.44 -5.19 -2.08
CA ARG A 15 5.74 -6.25 -1.37
C ARG A 15 4.52 -5.70 -0.65
N HIS A 16 3.40 -6.42 -0.76
CA HIS A 16 2.15 -6.00 -0.13
C HIS A 16 2.03 -6.60 1.27
N SER A 17 1.36 -5.87 2.16
CA SER A 17 1.17 -6.33 3.54
C SER A 17 0.11 -5.50 4.24
N GLY A 18 -1.15 -5.75 3.90
CA GLY A 18 -2.24 -5.02 4.51
C GLY A 18 -2.17 -3.53 4.23
N LYS A 19 -2.53 -2.72 5.23
CA LYS A 19 -2.52 -1.28 5.08
C LYS A 19 -2.23 -0.60 6.42
N CYS A 20 -1.97 0.70 6.38
CA CYS A 20 -1.68 1.47 7.59
C CYS A 20 -2.95 2.13 8.13
N ILE A 21 -4.05 1.95 7.41
CA ILE A 21 -5.33 2.53 7.82
C ILE A 21 -5.19 4.02 8.09
N ASP A 22 -5.36 4.82 7.05
CA ASP A 22 -5.26 6.28 7.17
C ASP A 22 -5.99 6.98 6.03
N GLN A 23 -5.37 6.95 4.85
CA GLN A 23 -5.96 7.58 3.67
C GLN A 23 -7.25 6.89 3.27
N LYS A 24 -8.03 7.56 2.43
CA LYS A 24 -9.30 7.00 1.96
C LYS A 24 -9.08 5.71 1.19
N GLY A 25 -10.12 5.22 0.53
CA GLY A 25 -10.00 4.00 -0.24
C GLY A 25 -10.87 2.89 0.33
N SER A 26 -11.44 2.06 -0.56
CA SER A 26 -12.29 0.96 -0.14
C SER A 26 -11.49 -0.08 0.65
N THR A 27 -10.69 -0.86 -0.07
CA THR A 27 -9.87 -1.89 0.56
C THR A 27 -8.64 -1.28 1.22
N TYR A 28 -7.88 -0.51 0.46
CA TYR A 28 -6.68 0.13 0.95
C TYR A 28 -5.61 -0.92 1.31
N ARG A 29 -4.49 -0.88 0.60
CA ARG A 29 -3.41 -1.82 0.84
C ARG A 29 -2.06 -1.20 0.45
N LEU A 30 -1.31 -0.77 1.45
CA LEU A 30 -0.01 -0.16 1.22
C LEU A 30 1.02 -1.21 0.81
N CYS A 31 2.21 -0.76 0.46
CA CYS A 31 3.28 -1.66 0.05
C CYS A 31 4.62 -1.22 0.64
N CYS A 32 5.65 -2.03 0.42
CA CYS A 32 6.98 -1.73 0.93
C CYS A 32 8.03 -1.90 -0.15
N ARG A 33 9.06 -1.07 -0.12
CA ARG A 33 10.14 -1.12 -1.10
C ARG A 33 11.10 -2.26 -0.78
N ARG A 34 10.81 -3.44 -1.32
CA ARG A 34 11.66 -4.61 -1.09
C ARG A 34 12.77 -4.69 -2.13
N SER A 1 8.04 1.53 -0.65
CA SER A 1 8.52 1.84 0.69
C SER A 1 7.37 1.87 1.69
N CYS A 2 6.44 0.94 1.53
CA CYS A 2 5.28 0.86 2.42
C CYS A 2 4.48 2.16 2.38
N THR A 3 4.44 2.79 1.22
CA THR A 3 3.71 4.05 1.06
C THR A 3 2.28 3.91 1.56
N CYS A 4 1.79 4.95 2.24
CA CYS A 4 0.44 4.94 2.78
C CYS A 4 -0.56 5.46 1.74
N ARG A 5 -0.47 4.93 0.53
CA ARG A 5 -1.36 5.32 -0.56
C ARG A 5 -2.43 4.27 -0.80
N ARG A 6 -3.45 4.64 -1.56
CA ARG A 6 -4.54 3.72 -1.87
C ARG A 6 -4.82 3.69 -3.37
N ALA A 7 -4.24 2.71 -4.06
CA ALA A 7 -4.43 2.57 -5.50
C ALA A 7 -4.16 1.14 -5.95
N TRP A 8 -4.61 0.81 -7.15
CA TRP A 8 -4.42 -0.53 -7.70
C TRP A 8 -2.98 -0.74 -8.15
N ILE A 9 -2.28 0.37 -8.40
CA ILE A 9 -0.90 0.31 -8.85
C ILE A 9 0.03 0.96 -7.83
N CYS A 10 1.34 0.84 -8.07
CA CYS A 10 2.33 1.43 -7.17
C CYS A 10 3.56 1.88 -7.95
N ARG A 11 4.60 2.27 -7.22
CA ARG A 11 5.83 2.73 -7.85
C ARG A 11 6.30 1.77 -8.92
N TRP A 12 6.86 0.64 -8.50
CA TRP A 12 7.35 -0.37 -9.43
C TRP A 12 7.94 -1.57 -8.68
N GLY A 13 7.58 -2.76 -9.12
CA GLY A 13 8.08 -3.96 -8.48
C GLY A 13 7.87 -3.95 -6.97
N GLU A 14 6.72 -3.45 -6.54
CA GLU A 14 6.40 -3.38 -5.12
C GLU A 14 5.77 -4.69 -4.63
N ARG A 15 5.47 -4.75 -3.35
CA ARG A 15 4.87 -5.94 -2.75
C ARG A 15 3.89 -5.56 -1.64
N HIS A 16 2.98 -6.47 -1.32
CA HIS A 16 1.99 -6.23 -0.27
C HIS A 16 2.63 -6.32 1.11
N SER A 17 2.45 -5.25 1.90
CA SER A 17 3.02 -5.21 3.25
C SER A 17 1.91 -5.05 4.28
N GLY A 18 0.76 -4.52 3.85
CA GLY A 18 -0.35 -4.33 4.76
C GLY A 18 -1.16 -3.09 4.43
N LYS A 19 -1.54 -2.33 5.45
CA LYS A 19 -2.33 -1.12 5.26
C LYS A 19 -2.18 -0.19 6.46
N CYS A 20 -2.33 1.11 6.21
CA CYS A 20 -2.22 2.10 7.28
C CYS A 20 -3.22 3.23 7.07
N ILE A 21 -3.88 3.64 8.14
CA ILE A 21 -4.87 4.71 8.07
C ILE A 21 -4.19 6.07 7.87
N ASP A 22 -4.76 6.87 6.97
CA ASP A 22 -4.22 8.19 6.69
C ASP A 22 -5.19 9.01 5.84
N GLN A 23 -5.68 8.39 4.76
CA GLN A 23 -6.62 9.07 3.86
C GLN A 23 -7.86 8.22 3.65
N LYS A 24 -8.14 7.33 4.60
CA LYS A 24 -9.31 6.46 4.51
C LYS A 24 -9.18 5.50 3.34
N GLY A 25 -9.00 4.22 3.64
CA GLY A 25 -8.87 3.21 2.59
C GLY A 25 -9.42 1.87 3.00
N SER A 26 -10.48 1.43 2.32
CA SER A 26 -11.11 0.16 2.61
C SER A 26 -10.38 -0.99 1.92
N THR A 27 -10.60 -1.12 0.61
CA THR A 27 -9.96 -2.17 -0.17
C THR A 27 -8.66 -1.68 -0.80
N TYR A 28 -7.56 -1.82 -0.07
CA TYR A 28 -6.26 -1.40 -0.55
C TYR A 28 -5.14 -2.05 0.25
N ARG A 29 -3.90 -1.81 -0.18
CA ARG A 29 -2.73 -2.37 0.49
C ARG A 29 -1.46 -1.60 0.13
N LEU A 30 -0.66 -1.29 1.13
CA LEU A 30 0.58 -0.56 0.91
C LEU A 30 1.47 -1.26 -0.11
N CYS A 31 2.63 -0.68 -0.38
CA CYS A 31 3.57 -1.26 -1.33
C CYS A 31 5.00 -1.16 -0.83
N CYS A 32 5.54 -2.28 -0.36
CA CYS A 32 6.90 -2.32 0.15
C CYS A 32 7.80 -3.16 -0.75
N ARG A 33 9.02 -3.42 -0.28
CA ARG A 33 9.98 -4.21 -1.04
C ARG A 33 10.72 -5.19 -0.13
N ARG A 34 9.97 -6.07 0.51
CA ARG A 34 10.55 -7.06 1.41
C ARG A 34 10.64 -8.43 0.73
N SER A 1 5.43 -1.12 5.12
CA SER A 1 4.82 0.01 4.42
C SER A 1 5.86 1.07 4.09
N CYS A 2 6.07 1.29 2.79
CA CYS A 2 7.05 2.27 2.33
C CYS A 2 6.37 3.39 1.55
N THR A 3 5.12 3.16 1.16
CA THR A 3 4.35 4.14 0.41
C THR A 3 2.86 3.87 0.51
N CYS A 4 2.22 4.48 1.51
CA CYS A 4 0.78 4.30 1.71
C CYS A 4 -0.02 5.06 0.65
N ARG A 5 -0.46 4.35 -0.37
CA ARG A 5 -1.23 4.96 -1.45
C ARG A 5 -2.55 4.21 -1.65
N ARG A 6 -3.34 4.69 -2.60
CA ARG A 6 -4.64 4.09 -2.90
C ARG A 6 -4.71 3.63 -4.36
N ALA A 7 -4.46 2.35 -4.58
CA ALA A 7 -4.49 1.78 -5.92
C ALA A 7 -4.23 0.28 -5.90
N TRP A 8 -4.80 -0.43 -6.86
CA TRP A 8 -4.63 -1.88 -6.95
C TRP A 8 -3.15 -2.25 -6.90
N ILE A 9 -2.39 -1.78 -7.88
CA ILE A 9 -0.96 -2.06 -7.94
C ILE A 9 -0.16 -0.98 -7.23
N CYS A 10 1.17 -1.09 -7.32
CA CYS A 10 2.06 -0.12 -6.69
C CYS A 10 2.77 0.73 -7.74
N ARG A 11 3.77 1.49 -7.30
CA ARG A 11 4.53 2.34 -8.20
C ARG A 11 5.87 1.70 -8.55
N TRP A 12 6.34 0.80 -7.69
CA TRP A 12 7.61 0.12 -7.92
C TRP A 12 7.48 -1.38 -7.63
N GLY A 13 8.62 -2.04 -7.47
CA GLY A 13 8.62 -3.46 -7.18
C GLY A 13 8.17 -3.77 -5.77
N GLU A 14 7.73 -2.74 -5.05
CA GLU A 14 7.28 -2.91 -3.67
C GLU A 14 6.31 -4.09 -3.55
N ARG A 15 6.05 -4.50 -2.32
CA ARG A 15 5.14 -5.62 -2.08
C ARG A 15 4.05 -5.22 -1.08
N HIS A 16 3.01 -6.04 -0.99
CA HIS A 16 1.90 -5.77 -0.08
C HIS A 16 2.27 -6.14 1.35
N SER A 17 1.81 -5.35 2.30
CA SER A 17 2.10 -5.59 3.71
C SER A 17 1.07 -4.91 4.61
N GLY A 18 -0.21 -5.10 4.29
CA GLY A 18 -1.27 -4.49 5.06
C GLY A 18 -1.29 -2.99 4.93
N LYS A 19 -2.49 -2.42 4.77
CA LYS A 19 -2.65 -0.98 4.63
C LYS A 19 -2.29 -0.27 5.93
N CYS A 20 -2.46 1.05 5.95
CA CYS A 20 -2.16 1.84 7.12
C CYS A 20 -3.34 2.75 7.50
N ILE A 21 -3.37 3.17 8.75
CA ILE A 21 -4.44 4.04 9.22
C ILE A 21 -4.08 5.51 9.05
N ASP A 22 -3.62 5.86 7.85
CA ASP A 22 -3.24 7.24 7.54
C ASP A 22 -4.29 7.91 6.67
N GLN A 23 -5.02 7.12 5.89
CA GLN A 23 -6.06 7.63 5.01
C GLN A 23 -7.41 7.05 5.37
N LYS A 24 -7.58 5.75 5.14
CA LYS A 24 -8.83 5.07 5.44
C LYS A 24 -8.75 3.59 5.09
N GLY A 25 -8.08 3.29 3.99
CA GLY A 25 -7.93 1.90 3.56
C GLY A 25 -9.26 1.18 3.51
N SER A 26 -10.04 1.46 2.47
CA SER A 26 -11.35 0.83 2.30
C SER A 26 -11.38 -0.03 1.05
N THR A 27 -10.48 0.28 0.12
CA THR A 27 -10.40 -0.46 -1.14
C THR A 27 -9.02 -0.34 -1.77
N TYR A 28 -7.99 -0.36 -0.94
CA TYR A 28 -6.61 -0.24 -1.41
C TYR A 28 -5.62 -0.64 -0.31
N ARG A 29 -4.44 -1.07 -0.73
CA ARG A 29 -3.41 -1.49 0.21
C ARG A 29 -2.06 -0.84 -0.13
N LEU A 30 -1.32 -0.45 0.90
CA LEU A 30 -0.02 0.19 0.71
C LEU A 30 0.98 -0.80 0.11
N CYS A 31 2.21 -0.35 -0.05
CA CYS A 31 3.27 -1.19 -0.61
C CYS A 31 4.62 -0.85 0.02
N CYS A 32 5.47 -1.86 0.13
CA CYS A 32 6.80 -1.69 0.72
C CYS A 32 7.81 -2.63 0.08
N ARG A 33 8.99 -2.11 -0.22
CA ARG A 33 10.05 -2.91 -0.84
C ARG A 33 10.98 -3.47 0.23
N ARG A 34 10.62 -4.62 0.78
CA ARG A 34 11.44 -5.26 1.81
C ARG A 34 11.76 -4.29 2.93
N SER A 1 4.95 -2.49 4.99
CA SER A 1 4.43 -1.25 4.43
C SER A 1 5.49 -0.15 4.47
N CYS A 2 5.86 0.35 3.29
CA CYS A 2 6.87 1.41 3.19
C CYS A 2 6.42 2.50 2.23
N THR A 3 5.10 2.60 2.03
CA THR A 3 4.54 3.60 1.14
C THR A 3 3.06 3.84 1.43
N CYS A 4 2.78 4.52 2.53
CA CYS A 4 1.41 4.80 2.92
C CYS A 4 0.66 5.52 1.79
N ARG A 5 -0.12 4.78 1.03
CA ARG A 5 -0.88 5.35 -0.07
C ARG A 5 -2.06 4.45 -0.43
N ARG A 6 -2.79 4.84 -1.48
CA ARG A 6 -3.95 4.07 -1.93
C ARG A 6 -4.02 4.04 -3.45
N ALA A 7 -4.03 2.83 -4.01
CA ALA A 7 -4.10 2.65 -5.46
C ALA A 7 -4.14 1.18 -5.83
N TRP A 8 -4.82 0.86 -6.92
CA TRP A 8 -4.94 -0.52 -7.38
C TRP A 8 -3.56 -1.17 -7.49
N ILE A 9 -2.56 -0.36 -7.76
CA ILE A 9 -1.19 -0.87 -7.89
C ILE A 9 -0.28 -0.28 -6.81
N CYS A 10 1.02 -0.50 -6.95
CA CYS A 10 1.99 0.01 -6.00
C CYS A 10 3.20 0.61 -6.71
N ARG A 11 4.25 0.89 -5.94
CA ARG A 11 5.46 1.48 -6.51
C ARG A 11 5.99 0.63 -7.67
N TRP A 12 6.63 -0.48 -7.33
CA TRP A 12 7.17 -1.37 -8.36
C TRP A 12 7.88 -2.56 -7.71
N GLY A 13 7.47 -3.76 -8.09
CA GLY A 13 8.07 -4.97 -7.53
C GLY A 13 8.13 -4.95 -6.02
N GLU A 14 7.10 -4.37 -5.40
CA GLU A 14 7.04 -4.29 -3.95
C GLU A 14 6.25 -5.46 -3.36
N ARG A 15 6.15 -5.50 -2.04
CA ARG A 15 5.44 -6.58 -1.36
C ARG A 15 4.21 -6.03 -0.64
N HIS A 16 3.51 -6.90 0.07
CA HIS A 16 2.32 -6.51 0.82
C HIS A 16 2.56 -6.60 2.32
N SER A 17 1.92 -5.71 3.07
CA SER A 17 2.06 -5.69 4.52
C SER A 17 0.96 -4.85 5.17
N GLY A 18 -0.21 -5.47 5.34
CA GLY A 18 -1.33 -4.76 5.94
C GLY A 18 -1.63 -3.45 5.25
N LYS A 19 -2.47 -2.64 5.88
CA LYS A 19 -2.84 -1.34 5.33
C LYS A 19 -2.64 -0.22 6.35
N CYS A 20 -2.57 1.01 5.87
CA CYS A 20 -2.37 2.16 6.73
C CYS A 20 -3.65 2.46 7.52
N ILE A 21 -3.48 2.90 8.76
CA ILE A 21 -4.61 3.22 9.62
C ILE A 21 -5.31 4.50 9.15
N ASP A 22 -4.57 5.33 8.42
CA ASP A 22 -5.12 6.58 7.90
C ASP A 22 -5.77 6.36 6.54
N GLN A 23 -6.12 7.46 5.87
CA GLN A 23 -6.74 7.40 4.56
C GLN A 23 -7.93 6.44 4.58
N LYS A 24 -8.44 6.13 3.39
CA LYS A 24 -9.59 5.22 3.27
C LYS A 24 -9.36 4.20 2.15
N GLY A 25 -9.49 4.66 0.91
CA GLY A 25 -9.29 3.77 -0.22
C GLY A 25 -10.29 2.64 -0.24
N SER A 26 -10.41 1.97 -1.40
CA SER A 26 -11.33 0.86 -1.54
C SER A 26 -10.58 -0.47 -1.62
N THR A 27 -10.54 -1.19 -0.50
CA THR A 27 -9.86 -2.48 -0.44
C THR A 27 -8.37 -2.32 -0.74
N TYR A 28 -7.88 -1.10 -0.61
CA TYR A 28 -6.47 -0.81 -0.86
C TYR A 28 -5.58 -1.53 0.15
N ARG A 29 -4.33 -1.76 -0.25
CA ARG A 29 -3.37 -2.45 0.62
C ARG A 29 -1.99 -1.84 0.49
N LEU A 30 -1.41 -1.44 1.62
CA LEU A 30 -0.09 -0.84 1.64
C LEU A 30 0.91 -1.69 0.86
N CYS A 31 2.05 -1.10 0.52
CA CYS A 31 3.09 -1.81 -0.22
C CYS A 31 4.47 -1.32 0.19
N CYS A 32 5.35 -2.28 0.50
CA CYS A 32 6.72 -1.95 0.92
C CYS A 32 7.72 -2.40 -0.14
N ARG A 33 8.77 -1.59 -0.33
CA ARG A 33 9.80 -1.91 -1.32
C ARG A 33 11.11 -2.27 -0.63
N ARG A 34 11.37 -3.57 -0.51
CA ARG A 34 12.59 -4.05 0.13
C ARG A 34 13.82 -3.75 -0.74
N SER A 1 7.53 2.17 -0.10
CA SER A 1 7.79 2.60 1.28
C SER A 1 6.54 2.46 2.13
N CYS A 2 5.80 1.39 1.91
CA CYS A 2 4.57 1.13 2.66
C CYS A 2 3.53 2.20 2.38
N THR A 3 3.65 2.85 1.23
CA THR A 3 2.72 3.91 0.84
C THR A 3 1.28 3.41 0.88
N CYS A 4 0.48 4.01 1.76
CA CYS A 4 -0.92 3.63 1.89
C CYS A 4 -1.75 4.18 0.72
N ARG A 5 -1.40 3.77 -0.49
CA ARG A 5 -2.12 4.22 -1.68
C ARG A 5 -3.46 3.50 -1.82
N ARG A 6 -4.27 3.97 -2.76
CA ARG A 6 -5.59 3.38 -2.98
C ARG A 6 -5.70 2.84 -4.41
N ALA A 7 -4.63 2.22 -4.88
CA ALA A 7 -4.61 1.65 -6.23
C ALA A 7 -3.99 0.26 -6.23
N TRP A 8 -4.58 -0.64 -7.01
CA TRP A 8 -4.08 -2.01 -7.10
C TRP A 8 -2.60 -2.04 -7.45
N ILE A 9 -2.15 -0.99 -8.15
CA ILE A 9 -0.75 -0.89 -8.55
C ILE A 9 0.07 -0.10 -7.53
N CYS A 10 1.38 -0.15 -7.66
CA CYS A 10 2.27 0.57 -6.76
C CYS A 10 3.52 1.05 -7.48
N ARG A 11 4.48 1.56 -6.72
CA ARG A 11 5.73 2.05 -7.30
C ARG A 11 6.34 1.01 -8.23
N TRP A 12 6.95 -0.02 -7.65
CA TRP A 12 7.57 -1.08 -8.42
C TRP A 12 8.17 -2.14 -7.52
N GLY A 13 7.91 -3.42 -7.83
CA GLY A 13 8.44 -4.50 -7.04
C GLY A 13 8.13 -4.33 -5.56
N GLU A 14 6.93 -3.87 -5.25
CA GLU A 14 6.51 -3.67 -3.86
C GLU A 14 5.97 -4.96 -3.27
N ARG A 15 5.45 -4.86 -2.04
CA ARG A 15 4.90 -6.02 -1.36
C ARG A 15 3.71 -5.62 -0.49
N HIS A 16 2.83 -6.59 -0.23
CA HIS A 16 1.64 -6.34 0.58
C HIS A 16 1.97 -6.48 2.07
N SER A 17 1.68 -5.43 2.84
CA SER A 17 1.94 -5.44 4.27
C SER A 17 0.68 -5.11 5.06
N GLY A 18 -0.43 -4.94 4.34
CA GLY A 18 -1.69 -4.63 5.00
C GLY A 18 -1.94 -3.14 5.09
N LYS A 19 -3.09 -2.70 4.59
CA LYS A 19 -3.46 -1.29 4.61
C LYS A 19 -3.29 -0.71 6.02
N CYS A 20 -3.37 0.61 6.12
CA CYS A 20 -3.22 1.28 7.41
C CYS A 20 -4.47 2.10 7.73
N ILE A 21 -4.39 2.91 8.79
CA ILE A 21 -5.51 3.74 9.20
C ILE A 21 -5.11 5.21 9.27
N ASP A 22 -3.83 5.48 9.02
CA ASP A 22 -3.33 6.85 9.05
C ASP A 22 -4.17 7.76 8.18
N GLN A 23 -4.00 7.63 6.86
CA GLN A 23 -4.75 8.45 5.91
C GLN A 23 -6.00 7.71 5.43
N LYS A 24 -5.85 6.42 5.17
CA LYS A 24 -6.96 5.60 4.69
C LYS A 24 -6.55 4.14 4.59
N GLY A 25 -7.46 3.30 4.10
CA GLY A 25 -7.18 1.89 3.96
C GLY A 25 -8.41 1.03 4.15
N SER A 26 -9.20 0.89 3.09
CA SER A 26 -10.41 0.09 3.14
C SER A 26 -10.43 -0.96 2.03
N THR A 27 -10.68 -0.50 0.81
CA THR A 27 -10.73 -1.39 -0.34
C THR A 27 -9.39 -1.44 -1.06
N TYR A 28 -8.31 -1.17 -0.32
CA TYR A 28 -6.97 -1.17 -0.88
C TYR A 28 -5.93 -1.54 0.18
N ARG A 29 -4.67 -1.51 -0.21
CA ARG A 29 -3.58 -1.83 0.70
C ARG A 29 -2.31 -1.07 0.33
N LEU A 30 -1.40 -0.93 1.30
CA LEU A 30 -0.14 -0.23 1.06
C LEU A 30 0.82 -1.07 0.23
N CYS A 31 2.06 -0.63 0.15
CA CYS A 31 3.08 -1.35 -0.61
C CYS A 31 4.45 -1.17 0.01
N CYS A 32 4.89 -2.16 0.78
CA CYS A 32 6.20 -2.11 1.43
C CYS A 32 7.27 -2.75 0.55
N ARG A 33 8.48 -2.84 1.09
CA ARG A 33 9.60 -3.43 0.36
C ARG A 33 10.72 -3.84 1.32
N ARG A 34 11.18 -5.08 1.18
CA ARG A 34 12.24 -5.60 2.03
C ARG A 34 13.47 -4.69 1.98
N SER A 1 4.89 -2.82 5.26
CA SER A 1 4.15 -1.64 4.84
C SER A 1 5.05 -0.41 4.79
N CYS A 2 5.16 0.19 3.61
CA CYS A 2 5.99 1.37 3.43
C CYS A 2 5.31 2.37 2.49
N THR A 3 5.22 2.02 1.22
CA THR A 3 4.60 2.89 0.22
C THR A 3 3.07 2.83 0.33
N CYS A 4 2.54 3.38 1.41
CA CYS A 4 1.10 3.40 1.64
C CYS A 4 0.40 4.28 0.60
N ARG A 5 -0.16 3.64 -0.42
CA ARG A 5 -0.85 4.36 -1.49
C ARG A 5 -2.23 3.75 -1.74
N ARG A 6 -2.96 4.33 -2.68
CA ARG A 6 -4.30 3.86 -3.02
C ARG A 6 -4.38 3.52 -4.50
N ALA A 7 -4.43 2.22 -4.81
CA ALA A 7 -4.52 1.76 -6.19
C ALA A 7 -4.60 0.24 -6.26
N TRP A 8 -4.95 -0.27 -7.43
CA TRP A 8 -5.05 -1.72 -7.63
C TRP A 8 -3.68 -2.35 -7.79
N ILE A 9 -2.65 -1.52 -7.80
CA ILE A 9 -1.28 -1.99 -7.95
C ILE A 9 -0.33 -1.28 -6.99
N CYS A 10 0.95 -1.60 -7.08
CA CYS A 10 1.95 -0.98 -6.22
C CYS A 10 3.09 -0.38 -7.05
N ARG A 11 4.01 0.31 -6.38
CA ARG A 11 5.13 0.95 -7.05
C ARG A 11 5.85 -0.05 -7.96
N TRP A 12 6.61 -0.96 -7.36
CA TRP A 12 7.34 -1.97 -8.12
C TRP A 12 7.89 -3.05 -7.20
N GLY A 13 7.55 -4.30 -7.49
CA GLY A 13 8.01 -5.41 -6.68
C GLY A 13 7.73 -5.20 -5.20
N GLU A 14 6.61 -4.55 -4.90
CA GLU A 14 6.23 -4.29 -3.52
C GLU A 14 5.57 -5.52 -2.89
N ARG A 15 5.17 -5.39 -1.63
CA ARG A 15 4.53 -6.49 -0.92
C ARG A 15 3.46 -5.97 0.04
N HIS A 16 2.38 -6.73 0.17
CA HIS A 16 1.28 -6.34 1.05
C HIS A 16 1.59 -6.72 2.49
N SER A 17 1.26 -5.83 3.41
CA SER A 17 1.50 -6.06 4.84
C SER A 17 0.51 -5.28 5.69
N GLY A 18 -0.77 -5.45 5.41
CA GLY A 18 -1.80 -4.74 6.17
C GLY A 18 -1.76 -3.24 5.93
N LYS A 19 -2.87 -2.69 5.44
CA LYS A 19 -2.96 -1.26 5.18
C LYS A 19 -2.46 -0.46 6.37
N CYS A 20 -1.84 0.68 6.09
CA CYS A 20 -1.32 1.54 7.15
C CYS A 20 -2.45 2.30 7.84
N ILE A 21 -2.09 3.10 8.85
CA ILE A 21 -3.08 3.87 9.59
C ILE A 21 -3.85 4.81 8.67
N ASP A 22 -3.15 5.79 8.11
CA ASP A 22 -3.76 6.75 7.21
C ASP A 22 -4.40 6.04 6.01
N GLN A 23 -4.96 6.83 5.09
CA GLN A 23 -5.60 6.28 3.90
C GLN A 23 -6.53 5.12 4.27
N LYS A 24 -7.76 5.46 4.64
CA LYS A 24 -8.75 4.45 5.01
C LYS A 24 -8.91 3.42 3.91
N GLY A 25 -8.25 2.26 4.09
CA GLY A 25 -8.34 1.21 3.09
C GLY A 25 -9.77 0.80 2.80
N SER A 26 -10.31 1.29 1.69
CA SER A 26 -11.68 0.97 1.31
C SER A 26 -11.71 0.20 -0.01
N THR A 27 -10.65 0.36 -0.80
CA THR A 27 -10.56 -0.32 -2.09
C THR A 27 -9.12 -0.36 -2.58
N TYR A 28 -8.17 -0.32 -1.65
CA TYR A 28 -6.76 -0.34 -2.00
C TYR A 28 -5.94 -0.96 -0.88
N ARG A 29 -4.91 -1.72 -1.26
CA ARG A 29 -4.03 -2.37 -0.28
C ARG A 29 -2.64 -1.77 -0.32
N LEU A 30 -2.14 -1.37 0.84
CA LEU A 30 -0.81 -0.78 0.95
C LEU A 30 0.24 -1.69 0.30
N CYS A 31 1.48 -1.20 0.23
CA CYS A 31 2.57 -1.97 -0.34
C CYS A 31 3.92 -1.40 0.07
N CYS A 32 4.82 -2.28 0.52
CA CYS A 32 6.14 -1.87 0.95
C CYS A 32 7.18 -2.13 -0.14
N ARG A 33 8.18 -1.26 -0.21
CA ARG A 33 9.24 -1.40 -1.21
C ARG A 33 10.60 -1.08 -0.61
N ARG A 34 11.62 -1.03 -1.46
CA ARG A 34 12.98 -0.73 -1.01
C ARG A 34 13.89 -0.45 -2.19
N SER A 1 2.93 -2.88 2.23
CA SER A 1 3.10 -3.06 3.67
C SER A 1 3.92 -1.92 4.26
N CYS A 2 4.24 -0.93 3.43
CA CYS A 2 5.03 0.21 3.88
C CYS A 2 4.52 1.50 3.24
N THR A 3 4.56 1.56 1.91
CA THR A 3 4.11 2.74 1.18
C THR A 3 2.61 2.94 1.34
N CYS A 4 2.23 3.71 2.36
CA CYS A 4 0.83 3.98 2.63
C CYS A 4 0.21 4.83 1.52
N ARG A 5 -0.29 4.18 0.49
CA ARG A 5 -0.89 4.87 -0.64
C ARG A 5 -2.20 4.19 -1.06
N ARG A 6 -2.96 4.85 -1.92
CA ARG A 6 -4.23 4.32 -2.41
C ARG A 6 -4.22 4.17 -3.92
N ALA A 7 -3.89 2.97 -4.39
CA ALA A 7 -3.85 2.69 -5.82
C ALA A 7 -4.19 1.24 -6.12
N TRP A 8 -4.24 0.89 -7.39
CA TRP A 8 -4.56 -0.48 -7.80
C TRP A 8 -3.30 -1.29 -8.01
N ILE A 9 -2.18 -0.60 -8.29
CA ILE A 9 -0.91 -1.27 -8.51
C ILE A 9 0.16 -0.76 -7.54
N CYS A 10 1.36 -1.33 -7.63
CA CYS A 10 2.46 -0.94 -6.76
C CYS A 10 3.63 -0.41 -7.58
N ARG A 11 4.55 0.28 -6.92
CA ARG A 11 5.72 0.84 -7.59
C ARG A 11 6.43 -0.23 -8.41
N TRP A 12 7.14 -1.11 -7.73
CA TRP A 12 7.87 -2.18 -8.41
C TRP A 12 8.49 -3.14 -7.40
N GLY A 13 8.33 -4.45 -7.64
CA GLY A 13 8.87 -5.44 -6.74
C GLY A 13 8.47 -5.20 -5.31
N GLU A 14 7.23 -4.79 -5.10
CA GLU A 14 6.72 -4.52 -3.76
C GLU A 14 6.18 -5.79 -3.12
N ARG A 15 6.20 -5.84 -1.79
CA ARG A 15 5.70 -7.00 -1.05
C ARG A 15 4.18 -7.06 -1.09
N HIS A 16 3.53 -5.96 -0.67
CA HIS A 16 2.08 -5.89 -0.66
C HIS A 16 1.49 -6.98 0.22
N SER A 17 1.06 -6.61 1.42
CA SER A 17 0.48 -7.56 2.36
C SER A 17 -0.02 -6.84 3.62
N GLY A 18 -0.85 -5.83 3.43
CA GLY A 18 -1.39 -5.08 4.55
C GLY A 18 -1.43 -3.59 4.27
N LYS A 19 -2.44 -2.92 4.83
CA LYS A 19 -2.59 -1.48 4.65
C LYS A 19 -2.79 -0.78 5.99
N CYS A 20 -2.55 0.53 6.02
CA CYS A 20 -2.70 1.31 7.23
C CYS A 20 -4.07 1.97 7.28
N ILE A 21 -4.28 2.83 8.28
CA ILE A 21 -5.54 3.52 8.44
C ILE A 21 -5.32 5.02 8.69
N ASP A 22 -4.16 5.51 8.26
CA ASP A 22 -3.83 6.92 8.43
C ASP A 22 -4.63 7.79 7.47
N GLN A 23 -4.36 7.65 6.19
CA GLN A 23 -5.06 8.43 5.17
C GLN A 23 -6.56 8.16 5.23
N LYS A 24 -6.94 7.02 5.77
CA LYS A 24 -8.34 6.64 5.89
C LYS A 24 -8.98 6.47 4.51
N GLY A 25 -8.47 5.50 3.75
CA GLY A 25 -9.01 5.26 2.42
C GLY A 25 -10.25 4.39 2.44
N SER A 26 -10.44 3.63 1.37
CA SER A 26 -11.61 2.74 1.27
C SER A 26 -11.27 1.35 1.79
N THR A 27 -10.53 0.59 0.99
CA THR A 27 -10.14 -0.77 1.38
C THR A 27 -8.94 -1.24 0.57
N TYR A 28 -8.00 -0.34 0.33
CA TYR A 28 -6.81 -0.66 -0.43
C TYR A 28 -6.04 -1.82 0.21
N ARG A 29 -4.88 -2.14 -0.34
CA ARG A 29 -4.05 -3.22 0.19
C ARG A 29 -2.67 -2.71 0.58
N LEU A 30 -2.26 -1.60 -0.04
CA LEU A 30 -0.95 -1.01 0.24
C LEU A 30 0.17 -1.89 -0.28
N CYS A 31 1.35 -1.31 -0.42
CA CYS A 31 2.52 -2.03 -0.91
C CYS A 31 3.79 -1.55 -0.24
N CYS A 32 4.72 -2.47 0.00
CA CYS A 32 5.99 -2.13 0.64
C CYS A 32 7.11 -2.03 -0.40
N ARG A 33 8.06 -1.15 -0.15
CA ARG A 33 9.18 -0.95 -1.06
C ARG A 33 10.44 -0.55 -0.29
N ARG A 34 11.52 -1.27 -0.53
CA ARG A 34 12.79 -0.99 0.14
C ARG A 34 13.97 -1.26 -0.79
#